data_4N9L
#
_entry.id   4N9L
#
_cell.length_a   43.260
_cell.length_b   90.960
_cell.length_c   66.200
_cell.angle_alpha   90.00
_cell.angle_beta   104.24
_cell.angle_gamma   90.00
#
_symmetry.space_group_name_H-M   'P 1 21 1'
#
loop_
_entity.id
_entity.type
_entity.pdbx_description
1 polymer Beta-lactamase
2 non-polymer '(2S,3R,4S)-4-{[(3S,5S)-5-(dimethylcarbamoyl)pyrrolidin-3-yl]sulfanyl}-2-[(2S,3R)-3-hydroxy-1-oxobutan-2-yl]-3-methyl-3,4-dihydro-2H-pyrrole-5-carboxylic acid'
3 water water
#
_entity_poly.entity_id   1
_entity_poly.type   'polypeptide(L)'
_entity_poly.pdbx_seq_one_letter_code
;GPMKTEMKDDFAKLEEQFDAKLGIFALDTGTNRTVAYRPDERFAFASTIKALTVGVLLQQKSIEDLNQRITYTRDDLVNY
NPITEKHVDTGMTLKELADASLRYSDNAAQNLILKQIGGPESLKKELRKIGDEVTNPERFSPELNEVNPGETQDTSTARA
LVTSLRAFALEDKLPSEKRELLIDWMKRNTTGDALIRAGVPDGWEVADKTGAASYGTRNDIAIIWPPKGDPVVLAVLSSR
DKKDAKYDDKLIAEATKVVMKALNMNGK
;
_entity_poly.pdbx_strand_id   B,A
#
loop_
_chem_comp.id
_chem_comp.type
_chem_comp.name
_chem_comp.formula
DWZ non-polymer '(2S,3R,4S)-4-{[(3S,5S)-5-(dimethylcarbamoyl)pyrrolidin-3-yl]sulfanyl}-2-[(2S,3R)-3-hydroxy-1-oxobutan-2-yl]-3-methyl-3,4-dihydro-2H-pyrrole-5-carboxylic acid' 'C17 H27 N3 O5 S'
#
# COMPACT_ATOMS: atom_id res chain seq x y z
N ASP A 9 5.40 1.84 -36.43
CA ASP A 9 5.86 1.85 -35.03
C ASP A 9 4.62 1.83 -34.15
N ASP A 10 4.77 1.08 -33.08
CA ASP A 10 3.72 0.83 -32.17
C ASP A 10 3.25 2.10 -31.48
N PHE A 11 4.18 3.01 -31.13
CA PHE A 11 3.73 4.22 -30.43
C PHE A 11 2.84 5.07 -31.37
N ALA A 12 3.20 5.20 -32.65
CA ALA A 12 2.39 5.95 -33.62
C ALA A 12 1.00 5.34 -33.76
N LYS A 13 0.96 4.02 -33.72
CA LYS A 13 -0.27 3.27 -33.88
C LYS A 13 -1.22 3.51 -32.66
N LEU A 14 -0.64 3.59 -31.46
CA LEU A 14 -1.37 3.98 -30.27
C LEU A 14 -1.84 5.41 -30.41
N GLU A 15 -0.99 6.30 -30.89
CA GLU A 15 -1.45 7.70 -31.16
C GLU A 15 -2.65 7.75 -32.10
N GLU A 16 -2.61 6.88 -33.11
CA GLU A 16 -3.67 6.83 -34.12
C GLU A 16 -4.97 6.20 -33.51
N GLN A 17 -4.82 5.11 -32.78
CA GLN A 17 -5.94 4.44 -32.17
C GLN A 17 -6.70 5.29 -31.15
N PHE A 18 -5.98 6.12 -30.45
CA PHE A 18 -6.56 6.79 -29.33
C PHE A 18 -6.67 8.25 -29.64
N ASP A 19 -6.33 8.63 -30.87
CA ASP A 19 -6.43 10.03 -31.29
C ASP A 19 -5.77 10.98 -30.26
N ALA A 20 -4.52 10.67 -29.93
CA ALA A 20 -3.79 11.41 -28.91
C ALA A 20 -2.33 11.57 -29.23
N LYS A 21 -1.67 12.43 -28.47
CA LYS A 21 -0.26 12.61 -28.56
C LYS A 21 0.36 11.93 -27.33
N LEU A 22 1.36 11.09 -27.58
CA LEU A 22 2.10 10.37 -26.52
C LEU A 22 3.46 11.02 -26.28
N GLY A 23 3.83 11.12 -25.00
CA GLY A 23 5.20 11.50 -24.58
C GLY A 23 5.74 10.34 -23.77
N ILE A 24 6.81 9.72 -24.28
CA ILE A 24 7.41 8.59 -23.61
CA ILE A 24 7.43 8.54 -23.68
C ILE A 24 8.91 8.75 -23.33
N PHE A 25 9.32 8.40 -22.11
CA PHE A 25 10.75 8.23 -21.86
C PHE A 25 10.85 7.11 -20.85
N ALA A 26 11.75 6.17 -21.10
CA ALA A 26 12.07 5.13 -20.12
C ALA A 26 13.55 4.91 -20.06
N LEU A 27 14.05 4.58 -18.87
CA LEU A 27 15.46 4.35 -18.67
C LEU A 27 15.64 3.11 -17.82
N ASP A 28 16.37 2.15 -18.37
CA ASP A 28 16.74 0.94 -17.67
C ASP A 28 18.01 1.18 -16.87
N THR A 29 17.84 1.33 -15.58
CA THR A 29 18.95 1.67 -14.68
C THR A 29 20.03 0.58 -14.68
N GLY A 30 19.66 -0.65 -15.06
CA GLY A 30 20.64 -1.73 -15.22
C GLY A 30 21.58 -1.53 -16.41
N THR A 31 21.02 -1.27 -17.57
CA THR A 31 21.80 -1.26 -18.80
C THR A 31 22.05 0.11 -19.33
N ASN A 32 21.32 1.08 -18.81
CA ASN A 32 21.31 2.46 -19.32
C ASN A 32 20.61 2.58 -20.67
N ARG A 33 19.92 1.53 -21.13
CA ARG A 33 19.10 1.63 -22.35
C ARG A 33 17.88 2.51 -22.10
N THR A 34 17.43 3.18 -23.16
CA THR A 34 16.33 4.14 -23.07
C THR A 34 15.32 3.86 -24.18
N VAL A 35 14.09 4.27 -23.92
CA VAL A 35 13.05 4.24 -24.93
C VAL A 35 12.42 5.62 -24.89
N ALA A 36 12.46 6.26 -26.16
CA ALA A 36 11.96 7.59 -26.28
C ALA A 36 11.01 7.70 -27.47
N TYR A 37 9.94 8.46 -27.23
CA TYR A 37 9.02 8.93 -28.24
C TYR A 37 8.46 10.25 -27.74
N ARG A 38 8.77 11.33 -28.45
CA ARG A 38 8.46 12.67 -27.99
C ARG A 38 8.85 12.92 -26.52
N PRO A 39 10.10 12.58 -26.18
CA PRO A 39 10.59 12.65 -24.77
C PRO A 39 10.77 14.04 -24.21
N ASP A 40 10.91 14.99 -25.11
CA ASP A 40 11.15 16.41 -24.78
C ASP A 40 9.95 17.31 -25.08
N GLU A 41 8.86 16.67 -25.50
CA GLU A 41 7.61 17.36 -25.72
C GLU A 41 6.95 17.73 -24.37
N ARG A 42 6.48 18.95 -24.25
CA ARG A 42 5.84 19.35 -22.99
C ARG A 42 4.39 18.90 -22.89
N PHE A 43 4.01 18.49 -21.67
CA PHE A 43 2.65 18.16 -21.33
C PHE A 43 2.40 18.81 -19.98
N ALA A 44 1.15 19.15 -19.67
CA ALA A 44 0.77 19.48 -18.30
C ALA A 44 1.07 18.28 -17.39
N PHE A 45 1.77 18.52 -16.29
CA PHE A 45 2.20 17.45 -15.45
C PHE A 45 1.08 16.90 -14.59
N ALA A 46 0.13 17.76 -14.28
CA ALA A 46 -1.01 17.40 -13.45
C ALA A 46 -0.54 16.85 -12.12
N SER A 47 -1.24 15.85 -11.56
CA SER A 47 -0.91 15.33 -10.21
C SER A 47 0.37 14.49 -10.11
N THR A 48 1.06 14.28 -11.23
CA THR A 48 2.37 13.67 -11.13
C THR A 48 3.28 14.52 -10.29
N ILE A 49 3.03 15.84 -10.27
CA ILE A 49 3.87 16.76 -9.50
C ILE A 49 3.90 16.38 -7.99
N LYS A 50 2.91 15.63 -7.54
CA LYS A 50 2.81 15.28 -6.15
C LYS A 50 3.95 14.45 -5.71
N ALA A 51 4.45 13.58 -6.58
CA ALA A 51 5.58 12.76 -6.19
C ALA A 51 6.78 13.61 -5.98
N LEU A 52 7.05 14.51 -6.89
CA LEU A 52 8.19 15.38 -6.76
C LEU A 52 8.08 16.29 -5.57
N THR A 53 6.87 16.71 -5.26
CA THR A 53 6.61 17.55 -4.10
C THR A 53 6.96 16.83 -2.76
N VAL A 54 6.70 15.52 -2.66
CA VAL A 54 7.04 14.76 -1.45
CA VAL A 54 7.05 14.77 -1.44
C VAL A 54 8.55 14.57 -1.37
N GLY A 55 9.17 14.40 -2.52
CA GLY A 55 10.63 14.29 -2.59
C GLY A 55 11.31 15.48 -1.94
N VAL A 56 10.82 16.69 -2.28
CA VAL A 56 11.32 17.91 -1.66
C VAL A 56 10.95 17.98 -0.20
N LEU A 57 9.71 17.67 0.15
CA LEU A 57 9.33 17.71 1.54
C LEU A 57 10.27 16.85 2.40
N LEU A 58 10.41 15.59 2.00
CA LEU A 58 11.32 14.64 2.63
C LEU A 58 12.74 15.20 2.73
N GLN A 59 13.23 15.85 1.66
CA GLN A 59 14.61 16.34 1.68
C GLN A 59 14.84 17.46 2.71
N GLN A 60 13.85 18.37 2.79
CA GLN A 60 13.97 19.53 3.65
CA GLN A 60 13.86 19.56 3.66
C GLN A 60 13.66 19.11 5.07
N LYS A 61 12.97 17.80 5.75
CA LYS A 61 12.56 17.44 7.08
C LYS A 61 13.35 16.25 7.45
N SER A 62 13.65 16.11 8.72
CA SER A 62 13.95 14.80 9.26
C SER A 62 12.69 13.93 9.16
N ILE A 63 12.90 12.63 9.14
CA ILE A 63 11.79 11.70 9.22
C ILE A 63 10.92 11.98 10.44
N GLU A 64 11.54 12.24 11.58
CA GLU A 64 10.78 12.58 12.77
C GLU A 64 10.01 13.91 12.63
N ASP A 65 10.57 14.88 11.89
CA ASP A 65 9.80 16.12 11.63
C ASP A 65 8.43 15.88 10.92
N LEU A 66 8.31 14.77 10.19
CA LEU A 66 7.10 14.46 9.44
C LEU A 66 5.90 14.22 10.35
N ASN A 67 6.16 13.94 11.63
CA ASN A 67 5.12 13.77 12.63
C ASN A 67 4.53 15.09 13.14
N GLN A 68 5.09 16.21 12.75
CA GLN A 68 4.43 17.48 13.05
C GLN A 68 3.00 17.45 12.51
N ARG A 69 2.06 17.75 13.41
CA ARG A 69 0.66 17.82 13.06
C ARG A 69 0.33 19.13 12.41
N ILE A 70 -0.33 19.05 11.25
CA ILE A 70 -0.79 20.23 10.53
C ILE A 70 -2.27 20.42 10.77
N THR A 71 -2.60 21.59 11.25
CA THR A 71 -3.99 21.99 11.38
C THR A 71 -4.41 22.73 10.14
N TYR A 72 -5.64 22.50 9.72
CA TYR A 72 -6.14 23.13 8.52
C TYR A 72 -7.65 23.28 8.67
N THR A 73 -8.25 24.01 7.74
CA THR A 73 -9.67 24.29 7.83
C THR A 73 -10.35 23.83 6.56
N ARG A 74 -11.66 24.01 6.49
CA ARG A 74 -12.34 23.64 5.26
C ARG A 74 -12.03 24.52 4.04
N ASP A 75 -11.52 25.74 4.24
CA ASP A 75 -11.03 26.57 3.13
C ASP A 75 -9.87 25.92 2.40
N ASP A 76 -9.10 25.07 3.08
CA ASP A 76 -7.97 24.39 2.48
C ASP A 76 -8.42 23.24 1.58
N LEU A 77 -9.65 22.76 1.77
CA LEU A 77 -10.22 21.73 0.93
C LEU A 77 -10.61 22.30 -0.39
N VAL A 78 -10.33 21.54 -1.45
CA VAL A 78 -10.60 21.91 -2.82
C VAL A 78 -11.60 20.95 -3.47
N ASN A 79 -11.35 20.49 -4.69
CA ASN A 79 -12.37 19.74 -5.43
C ASN A 79 -12.37 18.25 -5.08
N TYR A 80 -11.20 17.74 -4.64
CA TYR A 80 -10.93 16.34 -4.46
C TYR A 80 -10.02 16.07 -3.26
N ASN A 81 -10.65 15.65 -2.18
CA ASN A 81 -10.06 15.66 -0.85
C ASN A 81 -10.32 14.37 -0.06
N PRO A 82 -10.11 13.21 -0.65
CA PRO A 82 -10.71 11.95 -0.06
C PRO A 82 -10.32 11.66 1.39
N ILE A 83 -9.10 11.98 1.75
CA ILE A 83 -8.62 11.73 3.11
C ILE A 83 -8.74 12.96 3.98
N THR A 84 -8.26 14.08 3.47
CA THR A 84 -8.22 15.34 4.21
C THR A 84 -9.63 15.87 4.68
N GLU A 85 -10.69 15.55 3.94
CA GLU A 85 -12.06 15.95 4.32
C GLU A 85 -12.56 15.25 5.57
N LYS A 86 -11.85 14.23 6.01
CA LYS A 86 -12.26 13.47 7.15
C LYS A 86 -11.58 13.85 8.41
N HIS A 87 -10.67 14.80 8.36
CA HIS A 87 -9.86 15.13 9.53
C HIS A 87 -9.64 16.62 9.71
N VAL A 88 -10.58 17.41 9.23
CA VAL A 88 -10.55 18.85 9.51
C VAL A 88 -10.49 19.08 11.02
N ASP A 89 -11.22 18.27 11.75
CA ASP A 89 -11.33 18.52 13.18
C ASP A 89 -10.02 18.17 13.93
N THR A 90 -9.33 17.09 13.56
CA THR A 90 -8.05 16.72 14.23
C THR A 90 -6.76 17.26 13.59
N GLY A 91 -6.86 17.72 12.35
CA GLY A 91 -5.67 17.89 11.47
C GLY A 91 -5.03 16.55 11.09
N MET A 92 -3.88 16.61 10.45
CA MET A 92 -3.16 15.41 10.03
C MET A 92 -1.67 15.72 10.09
N THR A 93 -0.83 14.73 10.33
CA THR A 93 0.61 14.96 10.28
C THR A 93 1.11 15.04 8.83
N LEU A 94 2.27 15.68 8.64
CA LEU A 94 2.95 15.75 7.34
C LEU A 94 3.09 14.34 6.73
N LYS A 95 3.43 13.38 7.58
CA LYS A 95 3.53 11.99 7.12
C LYS A 95 2.18 11.49 6.58
N GLU A 96 1.12 11.70 7.34
CA GLU A 96 -0.22 11.35 6.90
C GLU A 96 -0.64 12.11 5.65
N LEU A 97 -0.22 13.39 5.53
CA LEU A 97 -0.50 14.18 4.33
C LEU A 97 0.22 13.64 3.05
N ALA A 98 1.46 13.16 3.23
CA ALA A 98 2.26 12.58 2.15
C ALA A 98 1.59 11.32 1.60
N ASP A 99 1.16 10.48 2.53
CA ASP A 99 0.39 9.27 2.19
C ASP A 99 -0.89 9.63 1.44
N ALA A 100 -1.66 10.60 1.93
CA ALA A 100 -2.90 10.96 1.25
C ALA A 100 -2.62 11.51 -0.14
N SER A 101 -1.61 12.39 -0.24
CA SER A 101 -1.28 12.99 -1.51
C SER A 101 -0.88 11.96 -2.53
N LEU A 102 0.06 11.11 -2.13
CA LEU A 102 0.57 10.13 -3.08
C LEU A 102 -0.35 8.96 -3.37
N ARG A 103 -0.97 8.38 -2.36
CA ARG A 103 -1.76 7.17 -2.58
C ARG A 103 -3.19 7.43 -3.00
N TYR A 104 -3.69 8.61 -2.74
CA TYR A 104 -5.04 8.95 -3.18
C TYR A 104 -5.10 10.19 -4.07
N SER A 105 -3.98 10.82 -4.34
CA SER A 105 -3.97 12.07 -5.09
C SER A 105 -4.86 13.10 -4.42
N ASP A 106 -4.74 13.22 -3.11
CA ASP A 106 -5.52 14.17 -2.36
C ASP A 106 -5.02 15.65 -2.67
N ASN A 107 -5.87 16.52 -3.21
CA ASN A 107 -5.44 17.86 -3.64
C ASN A 107 -5.14 18.75 -2.50
N ALA A 108 -6.02 18.75 -1.51
CA ALA A 108 -5.73 19.51 -0.33
C ALA A 108 -4.43 19.08 0.35
N ALA A 109 -4.25 17.77 0.53
CA ALA A 109 -2.94 17.27 1.02
C ALA A 109 -1.81 17.95 0.23
N GLN A 110 -1.89 17.94 -1.09
CA GLN A 110 -0.79 18.50 -1.90
C GLN A 110 -0.60 20.00 -1.63
N ASN A 111 -1.70 20.75 -1.49
CA ASN A 111 -1.60 22.18 -1.22
C ASN A 111 -1.04 22.53 0.15
N LEU A 112 -1.35 21.70 1.15
CA LEU A 112 -0.79 21.87 2.50
C LEU A 112 0.72 21.60 2.51
N ILE A 113 1.09 20.52 1.81
CA ILE A 113 2.48 20.14 1.70
C ILE A 113 3.22 21.22 0.97
N LEU A 114 2.68 21.64 -0.15
CA LEU A 114 3.24 22.76 -0.91
CA LEU A 114 3.18 22.80 -0.91
C LEU A 114 3.45 24.02 -0.03
N LYS A 115 2.47 24.40 0.77
CA LYS A 115 2.62 25.53 1.69
CA LYS A 115 2.63 25.51 1.71
C LYS A 115 3.77 25.30 2.71
N GLN A 116 3.94 24.05 3.18
CA GLN A 116 5.02 23.75 4.13
CA GLN A 116 5.01 23.75 4.15
C GLN A 116 6.41 23.96 3.52
N ILE A 117 6.53 23.75 2.22
CA ILE A 117 7.83 23.93 1.57
C ILE A 117 7.98 25.30 0.92
N GLY A 118 7.01 26.17 1.19
CA GLY A 118 7.09 27.54 0.78
C GLY A 118 6.39 27.88 -0.51
N GLY A 119 5.65 26.94 -1.10
CA GLY A 119 4.83 27.24 -2.29
C GLY A 119 5.48 26.81 -3.60
N PRO A 120 4.73 26.86 -4.71
CA PRO A 120 5.18 26.42 -6.02
C PRO A 120 6.49 27.09 -6.45
N GLU A 121 6.65 28.36 -6.13
CA GLU A 121 7.85 29.10 -6.55
C GLU A 121 9.04 28.52 -5.78
N SER A 122 8.82 28.22 -4.52
CA SER A 122 9.81 27.55 -3.73
C SER A 122 10.06 26.10 -4.19
N LEU A 123 9.02 25.37 -4.54
CA LEU A 123 9.19 24.03 -5.10
C LEU A 123 10.01 24.07 -6.37
N LYS A 124 9.78 25.06 -7.20
CA LYS A 124 10.49 25.16 -8.48
C LYS A 124 11.98 25.37 -8.25
N LYS A 125 12.30 26.21 -7.29
CA LYS A 125 13.65 26.48 -6.93
C LYS A 125 14.34 25.23 -6.34
N GLU A 126 13.60 24.39 -5.61
CA GLU A 126 14.23 23.14 -5.15
C GLU A 126 14.45 22.14 -6.31
N LEU A 127 13.56 22.12 -7.29
CA LEU A 127 13.75 21.31 -8.49
C LEU A 127 14.94 21.81 -9.30
N ARG A 128 15.06 23.11 -9.54
CA ARG A 128 16.29 23.63 -10.18
C ARG A 128 17.52 23.11 -9.41
N LYS A 129 17.41 23.04 -8.07
CA LYS A 129 18.56 22.63 -7.26
C LYS A 129 18.94 21.20 -7.42
N ILE A 130 18.02 20.30 -7.78
CA ILE A 130 18.44 18.91 -8.01
C ILE A 130 18.84 18.66 -9.44
N GLY A 131 18.73 19.69 -10.28
CA GLY A 131 19.15 19.67 -11.66
C GLY A 131 18.06 19.74 -12.71
N ASP A 132 16.82 19.96 -12.31
CA ASP A 132 15.64 19.92 -13.24
C ASP A 132 15.35 21.34 -13.69
N GLU A 133 15.76 21.69 -14.90
CA GLU A 133 15.53 23.05 -15.47
C GLU A 133 14.26 23.08 -16.35
N VAL A 134 13.46 22.02 -16.32
CA VAL A 134 12.31 21.86 -17.23
C VAL A 134 10.96 21.99 -16.51
N THR A 135 10.77 21.20 -15.46
CA THR A 135 9.49 21.17 -14.71
C THR A 135 9.21 22.57 -14.17
N ASN A 136 8.03 23.11 -14.50
CA ASN A 136 7.64 24.48 -14.14
C ASN A 136 6.46 24.57 -13.17
N PRO A 137 6.68 24.31 -11.88
CA PRO A 137 5.60 24.52 -10.87
C PRO A 137 5.23 26.00 -10.76
N GLU A 138 3.93 26.26 -10.81
CA GLU A 138 3.43 27.64 -10.82
C GLU A 138 2.15 27.82 -9.96
N ARG A 139 1.28 26.83 -9.94
CA ARG A 139 -0.03 26.96 -9.25
C ARG A 139 -0.27 25.90 -8.20
N PHE A 140 -1.24 26.18 -7.34
CA PHE A 140 -1.75 25.18 -6.40
C PHE A 140 -2.71 24.21 -7.13
N SER A 141 -3.25 23.26 -6.39
CA SER A 141 -4.12 22.26 -7.02
C SER A 141 -5.61 22.59 -6.69
N PRO A 142 -6.54 22.29 -7.61
CA PRO A 142 -6.34 21.71 -8.91
C PRO A 142 -5.98 22.69 -10.04
N GLU A 143 -5.99 24.02 -9.82
CA GLU A 143 -5.73 24.99 -10.93
C GLU A 143 -4.54 24.65 -11.83
N LEU A 144 -3.53 23.98 -11.27
CA LEU A 144 -2.39 23.54 -12.06
C LEU A 144 -2.78 22.69 -13.31
N ASN A 145 -3.95 22.06 -13.28
CA ASN A 145 -4.36 21.20 -14.38
C ASN A 145 -4.94 21.96 -15.60
N GLU A 146 -5.06 23.29 -15.53
CA GLU A 146 -5.62 24.09 -16.63
C GLU A 146 -4.46 24.70 -17.45
N VAL A 147 -4.03 23.97 -18.49
CA VAL A 147 -2.89 24.32 -19.33
C VAL A 147 -3.34 24.30 -20.78
N ASN A 148 -3.22 25.43 -21.50
CA ASN A 148 -3.62 25.52 -22.93
C ASN A 148 -2.45 25.29 -23.82
N PRO A 149 -2.69 24.79 -25.02
CA PRO A 149 -1.50 24.40 -25.77
C PRO A 149 -0.51 25.57 -25.96
N GLY A 150 0.79 25.27 -25.96
CA GLY A 150 1.81 26.32 -26.07
C GLY A 150 2.18 26.97 -24.75
N GLU A 151 1.36 26.83 -23.73
CA GLU A 151 1.69 27.40 -22.45
C GLU A 151 2.69 26.47 -21.74
N THR A 152 3.52 27.05 -20.89
CA THR A 152 4.54 26.26 -20.23
C THR A 152 4.40 26.21 -18.74
N GLN A 153 3.53 27.02 -18.14
CA GLN A 153 3.39 26.90 -16.70
CA GLN A 153 3.29 26.94 -16.70
C GLN A 153 2.76 25.53 -16.38
N ASP A 154 3.21 24.94 -15.28
CA ASP A 154 2.81 23.60 -14.79
C ASP A 154 2.93 22.47 -15.80
N THR A 155 3.98 22.53 -16.61
CA THR A 155 4.33 21.49 -17.60
C THR A 155 5.71 20.92 -17.30
N SER A 156 5.97 19.71 -17.82
CA SER A 156 7.30 19.12 -17.85
C SER A 156 7.33 18.22 -19.06
N THR A 157 8.36 17.40 -19.15
CA THR A 157 8.52 16.48 -20.27
C THR A 157 8.70 15.08 -19.72
N ALA A 158 8.49 14.06 -20.56
CA ALA A 158 8.70 12.67 -20.09
C ALA A 158 10.15 12.46 -19.61
N ARG A 159 11.11 12.97 -20.37
CA ARG A 159 12.53 12.85 -19.96
C ARG A 159 12.83 13.47 -18.55
N ALA A 160 12.36 14.70 -18.30
CA ALA A 160 12.59 15.42 -17.08
C ALA A 160 11.93 14.75 -15.85
N LEU A 161 10.70 14.28 -16.00
CA LEU A 161 10.00 13.65 -14.89
C LEU A 161 10.69 12.33 -14.47
N VAL A 162 11.08 11.54 -15.46
CA VAL A 162 11.89 10.37 -15.24
C VAL A 162 13.22 10.73 -14.54
N THR A 163 13.90 11.77 -15.03
CA THR A 163 15.18 12.20 -14.49
C THR A 163 15.04 12.64 -13.04
N SER A 164 14.00 13.46 -12.78
CA SER A 164 13.74 13.97 -11.45
C SER A 164 13.21 12.89 -10.51
N LEU A 165 12.32 12.02 -10.96
CA LEU A 165 11.85 10.90 -10.12
C LEU A 165 12.98 9.92 -9.74
N ARG A 166 13.83 9.57 -10.71
CA ARG A 166 15.04 8.78 -10.41
C ARG A 166 15.88 9.42 -9.34
N ALA A 167 16.09 10.70 -9.48
CA ALA A 167 17.03 11.39 -8.63
C ALA A 167 16.64 11.32 -7.12
N PHE A 168 15.37 11.55 -6.82
CA PHE A 168 14.84 11.46 -5.48
C PHE A 168 14.76 10.02 -4.99
N ALA A 169 14.27 9.12 -5.86
CA ALA A 169 13.83 7.76 -5.46
C ALA A 169 14.95 6.75 -5.39
N LEU A 170 15.93 6.90 -6.28
CA LEU A 170 16.98 5.93 -6.49
C LEU A 170 18.41 6.44 -6.30
N GLU A 171 18.68 7.71 -6.60
CA GLU A 171 20.00 8.23 -6.52
C GLU A 171 20.25 8.90 -5.19
N ASP A 172 20.79 10.12 -5.18
CA ASP A 172 21.35 10.66 -3.95
C ASP A 172 20.79 11.99 -3.56
N LYS A 173 19.57 12.29 -4.02
CA LYS A 173 18.88 13.49 -3.60
C LYS A 173 18.16 13.28 -2.27
N LEU A 174 18.08 12.02 -1.81
CA LEU A 174 17.57 11.67 -0.49
C LEU A 174 18.47 10.55 0.09
N PRO A 175 18.60 10.47 1.42
CA PRO A 175 19.23 9.30 2.08
C PRO A 175 18.27 8.12 2.05
N SER A 176 18.79 6.93 2.30
CA SER A 176 18.07 5.72 1.95
CA SER A 176 18.08 5.69 2.00
C SER A 176 16.73 5.58 2.67
N GLU A 177 16.66 5.99 3.91
CA GLU A 177 15.42 5.85 4.68
CA GLU A 177 15.43 5.85 4.70
C GLU A 177 14.26 6.65 4.13
N LYS A 178 14.55 7.74 3.45
CA LYS A 178 13.53 8.62 2.97
C LYS A 178 13.11 8.20 1.58
N ARG A 179 14.08 7.71 0.80
CA ARG A 179 13.81 7.02 -0.44
C ARG A 179 12.85 5.85 -0.20
N GLU A 180 13.12 5.10 0.85
CA GLU A 180 12.25 4.01 1.21
C GLU A 180 10.81 4.50 1.55
N LEU A 181 10.65 5.63 2.20
CA LEU A 181 9.29 6.11 2.50
C LEU A 181 8.57 6.47 1.22
N LEU A 182 9.30 7.16 0.34
CA LEU A 182 8.77 7.61 -0.95
C LEU A 182 8.37 6.43 -1.82
N ILE A 183 9.26 5.47 -1.91
CA ILE A 183 9.06 4.32 -2.74
C ILE A 183 7.90 3.49 -2.22
N ASP A 184 7.81 3.31 -0.91
CA ASP A 184 6.70 2.53 -0.37
C ASP A 184 5.35 3.24 -0.58
N TRP A 185 5.25 4.54 -0.34
CA TRP A 185 3.97 5.25 -0.63
C TRP A 185 3.55 5.05 -2.07
N MET A 186 4.49 5.18 -3.00
CA MET A 186 4.16 5.03 -4.41
C MET A 186 3.87 3.55 -4.82
N LYS A 187 4.54 2.60 -4.20
CA LYS A 187 4.24 1.18 -4.49
C LYS A 187 2.80 0.88 -4.16
N ARG A 188 2.31 1.53 -3.11
CA ARG A 188 0.98 1.31 -2.58
C ARG A 188 -0.09 2.31 -3.05
N ASN A 189 0.21 3.01 -4.14
CA ASN A 189 -0.76 3.89 -4.79
C ASN A 189 -2.02 3.15 -5.08
N THR A 190 -3.17 3.79 -4.84
CA THR A 190 -4.45 3.17 -5.18
C THR A 190 -5.04 3.68 -6.48
N THR A 191 -4.40 4.65 -7.12
CA THR A 191 -5.02 5.33 -8.26
C THR A 191 -4.54 4.86 -9.63
N GLY A 192 -3.60 3.92 -9.67
CA GLY A 192 -2.93 3.60 -10.93
C GLY A 192 -3.17 2.23 -11.53
N ASP A 193 -4.19 1.52 -11.07
CA ASP A 193 -4.34 0.14 -11.52
C ASP A 193 -4.53 -0.05 -13.04
N ALA A 194 -5.08 0.94 -13.73
CA ALA A 194 -5.47 0.69 -15.10
C ALA A 194 -4.47 1.32 -16.04
N LEU A 195 -3.33 1.72 -15.48
CA LEU A 195 -2.33 2.46 -16.25
CA LEU A 195 -2.33 2.46 -16.25
C LEU A 195 -1.03 1.68 -16.41
N ILE A 196 0.10 2.23 -15.94
CA ILE A 196 1.37 1.53 -16.12
C ILE A 196 1.32 0.13 -15.51
N ARG A 197 0.64 0.00 -14.39
CA ARG A 197 0.51 -1.26 -13.70
C ARG A 197 -0.10 -2.32 -14.62
N ALA A 198 -1.09 -1.90 -15.44
CA ALA A 198 -1.71 -2.82 -16.38
C ALA A 198 -0.82 -3.26 -17.51
N GLY A 199 0.29 -2.59 -17.78
CA GLY A 199 1.15 -2.96 -18.91
C GLY A 199 2.45 -3.62 -18.50
N VAL A 200 2.55 -3.98 -17.23
CA VAL A 200 3.76 -4.56 -16.66
C VAL A 200 3.43 -6.04 -16.33
N PRO A 201 4.37 -6.97 -16.57
CA PRO A 201 4.11 -8.39 -16.23
C PRO A 201 3.77 -8.54 -14.76
N ASP A 202 2.88 -9.49 -14.43
CA ASP A 202 2.40 -9.71 -13.06
C ASP A 202 3.50 -10.03 -12.12
N GLY A 203 3.32 -9.55 -10.88
CA GLY A 203 4.32 -9.67 -9.84
C GLY A 203 5.63 -8.95 -10.04
N TRP A 204 5.74 -8.06 -11.03
CA TRP A 204 6.81 -7.06 -10.99
C TRP A 204 6.26 -5.91 -10.08
N GLU A 205 6.99 -5.46 -9.06
CA GLU A 205 6.50 -4.35 -8.24
C GLU A 205 6.65 -3.04 -9.00
N VAL A 206 5.70 -2.14 -8.81
CA VAL A 206 5.64 -0.85 -9.46
C VAL A 206 5.33 0.23 -8.43
N ALA A 207 6.08 1.34 -8.49
CA ALA A 207 5.80 2.54 -7.72
C ALA A 207 5.31 3.50 -8.73
N ASP A 208 4.14 4.11 -8.52
CA ASP A 208 3.65 5.01 -9.54
C ASP A 208 2.88 6.19 -8.98
N LYS A 209 2.76 7.25 -9.78
CA LYS A 209 1.90 8.38 -9.49
C LYS A 209 1.23 8.86 -10.78
N THR A 210 -0.11 8.93 -10.73
CA THR A 210 -0.92 9.28 -11.88
C THR A 210 -1.29 10.80 -11.97
N GLY A 211 -1.90 11.17 -13.07
CA GLY A 211 -2.37 12.49 -13.24
C GLY A 211 -3.30 12.55 -14.45
N ALA A 212 -4.17 13.57 -14.45
CA ALA A 212 -5.06 13.91 -15.52
C ALA A 212 -5.26 15.40 -15.48
N ALA A 213 -5.48 16.01 -16.64
CA ALA A 213 -5.63 17.46 -16.73
C ALA A 213 -6.28 17.80 -18.05
N SER A 214 -6.51 19.25 -18.30
CA SER A 214 -7.36 19.58 -19.43
C SER A 214 -6.68 19.16 -20.74
N TYR A 215 -7.42 19.30 -21.83
CA TYR A 215 -7.03 18.76 -23.08
C TYR A 215 -6.89 17.19 -23.02
N GLY A 216 -7.68 16.52 -22.19
CA GLY A 216 -7.64 15.06 -22.10
C GLY A 216 -6.26 14.54 -21.69
N THR A 217 -5.51 15.34 -20.93
CA THR A 217 -4.19 14.93 -20.54
C THR A 217 -4.30 13.80 -19.52
N ARG A 218 -3.52 12.74 -19.75
CA ARG A 218 -3.54 11.56 -18.94
C ARG A 218 -2.14 11.00 -18.79
N ASN A 219 -1.65 10.99 -17.55
CA ASN A 219 -0.23 10.74 -17.22
C ASN A 219 -0.01 9.69 -16.13
N ASP A 220 1.18 9.11 -16.11
CA ASP A 220 1.61 8.12 -15.12
C ASP A 220 3.12 8.07 -15.26
N ILE A 221 3.83 8.23 -14.13
CA ILE A 221 5.26 8.05 -14.02
C ILE A 221 5.47 6.95 -12.95
N ALA A 222 6.51 6.16 -13.15
CA ALA A 222 6.67 5.00 -12.36
C ALA A 222 8.13 4.52 -12.30
N ILE A 223 8.39 3.67 -11.30
CA ILE A 223 9.55 2.84 -11.24
C ILE A 223 9.07 1.40 -11.16
N ILE A 224 9.73 0.54 -11.93
CA ILE A 224 9.29 -0.84 -12.12
C ILE A 224 10.49 -1.71 -11.81
N TRP A 225 10.31 -2.69 -10.94
CA TRP A 225 11.38 -3.59 -10.54
C TRP A 225 11.26 -4.98 -11.20
N PRO A 226 12.10 -5.28 -12.20
CA PRO A 226 12.14 -6.68 -12.56
C PRO A 226 12.54 -7.55 -11.37
N PRO A 227 11.99 -8.98 -11.40
CA PRO A 227 12.14 -9.74 -10.15
C PRO A 227 13.55 -9.69 -9.59
N LYS A 228 14.52 -9.83 -10.47
CA LYS A 228 15.90 -9.61 -10.11
C LYS A 228 16.45 -8.63 -11.13
N GLY A 229 17.28 -7.71 -10.68
CA GLY A 229 17.80 -6.67 -11.55
C GLY A 229 17.37 -5.27 -11.16
N ASP A 230 18.01 -4.31 -11.80
CA ASP A 230 17.84 -2.91 -11.51
C ASP A 230 16.52 -2.40 -12.10
N PRO A 231 15.96 -1.40 -11.47
CA PRO A 231 14.64 -0.95 -11.90
C PRO A 231 14.64 -0.16 -13.21
N VAL A 232 13.46 -0.10 -13.81
CA VAL A 232 13.20 0.78 -14.93
C VAL A 232 12.46 2.00 -14.41
N VAL A 233 12.88 3.19 -14.85
CA VAL A 233 12.15 4.42 -14.57
C VAL A 233 11.43 4.91 -15.84
N LEU A 234 10.15 5.25 -15.72
CA LEU A 234 9.26 5.40 -16.85
C LEU A 234 8.31 6.58 -16.65
N ALA A 235 8.16 7.41 -17.71
CA ALA A 235 7.07 8.41 -17.82
C ALA A 235 6.29 8.12 -19.05
N VAL A 236 4.98 8.09 -18.94
CA VAL A 236 4.11 7.96 -20.09
C VAL A 236 3.13 9.09 -19.95
N LEU A 237 3.22 10.06 -20.84
CA LEU A 237 2.38 11.25 -20.81
C LEU A 237 1.46 11.27 -22.07
N SER A 238 0.30 11.87 -21.94
CA SER A 238 -0.54 12.03 -23.12
C SER A 238 -1.40 13.30 -23.06
N SER A 239 -1.92 13.71 -24.20
CA SER A 239 -2.88 14.82 -24.33
C SER A 239 -3.54 14.78 -25.68
N ARG A 240 -4.51 15.64 -25.90
CA ARG A 240 -5.30 15.55 -27.09
C ARG A 240 -5.69 16.96 -27.51
N ASP A 241 -6.40 17.14 -28.62
CA ASP A 241 -6.54 18.53 -29.06
C ASP A 241 -7.79 19.27 -28.67
N LYS A 242 -8.79 18.64 -28.07
CA LYS A 242 -9.91 19.39 -27.52
C LYS A 242 -9.78 19.62 -26.01
N LYS A 243 -10.21 20.79 -25.55
CA LYS A 243 -10.02 21.21 -24.15
C LYS A 243 -10.73 20.26 -23.20
N ASP A 244 -11.91 19.85 -23.60
CA ASP A 244 -12.78 19.02 -22.81
C ASP A 244 -12.68 17.53 -23.25
N ALA A 245 -11.62 17.17 -23.93
CA ALA A 245 -11.45 15.80 -24.39
C ALA A 245 -11.42 14.81 -23.21
N LYS A 246 -12.05 13.66 -23.43
CA LYS A 246 -11.88 12.50 -22.56
C LYS A 246 -10.58 11.83 -22.80
N TYR A 247 -9.98 11.25 -21.77
CA TYR A 247 -8.87 10.35 -21.98
C TYR A 247 -9.26 8.87 -21.93
N ASP A 248 -8.30 8.02 -22.34
CA ASP A 248 -8.41 6.61 -22.16
C ASP A 248 -7.16 6.01 -21.46
N ASP A 249 -7.38 5.48 -20.25
CA ASP A 249 -6.36 4.79 -19.46
C ASP A 249 -5.67 3.66 -20.24
N LYS A 250 -6.40 2.97 -21.09
CA LYS A 250 -5.85 1.90 -21.95
C LYS A 250 -4.66 2.33 -22.84
N LEU A 251 -4.65 3.59 -23.25
CA LEU A 251 -3.49 4.16 -23.92
C LEU A 251 -2.18 4.02 -23.12
N ILE A 252 -2.27 4.39 -21.86
CA ILE A 252 -1.11 4.38 -20.99
C ILE A 252 -0.67 2.95 -20.81
N ALA A 253 -1.61 2.04 -20.53
CA ALA A 253 -1.31 0.63 -20.37
C ALA A 253 -0.62 0.04 -21.59
N GLU A 254 -1.18 0.29 -22.78
CA GLU A 254 -0.63 -0.26 -24.03
C GLU A 254 0.76 0.31 -24.38
N ALA A 255 0.96 1.59 -24.14
CA ALA A 255 2.25 2.24 -24.31
C ALA A 255 3.25 1.58 -23.41
N THR A 256 2.81 1.22 -22.21
CA THR A 256 3.71 0.67 -21.24
C THR A 256 4.19 -0.68 -21.78
N LYS A 257 3.27 -1.46 -22.34
CA LYS A 257 3.63 -2.79 -22.86
C LYS A 257 4.66 -2.66 -23.96
N VAL A 258 4.50 -1.61 -24.76
CA VAL A 258 5.42 -1.38 -25.84
C VAL A 258 6.78 -1.05 -25.23
N VAL A 259 6.78 -0.28 -24.14
CA VAL A 259 8.04 0.10 -23.51
C VAL A 259 8.74 -1.15 -23.07
N MET A 260 7.99 -2.02 -22.41
CA MET A 260 8.52 -3.27 -21.87
C MET A 260 9.09 -4.21 -22.96
N LYS A 261 8.43 -4.32 -24.10
CA LYS A 261 9.00 -5.12 -25.20
C LYS A 261 10.30 -4.54 -25.75
N ALA A 262 10.30 -3.24 -26.01
CA ALA A 262 11.47 -2.59 -26.51
C ALA A 262 12.65 -2.61 -25.54
N LEU A 263 12.41 -2.92 -24.26
CA LEU A 263 13.51 -3.06 -23.27
C LEU A 263 13.88 -4.50 -22.90
N ASN A 264 13.24 -5.49 -23.52
CA ASN A 264 13.46 -6.87 -23.13
C ASN A 264 13.95 -7.65 -24.36
N ASP B 9 -31.61 -11.10 5.88
CA ASP B 9 -30.24 -10.81 6.37
C ASP B 9 -29.26 -10.80 5.21
N ASP B 10 -28.41 -9.78 5.24
CA ASP B 10 -27.46 -9.53 4.23
C ASP B 10 -26.32 -10.52 4.24
N PHE B 11 -25.89 -11.01 5.41
CA PHE B 11 -24.76 -11.94 5.47
C PHE B 11 -25.12 -13.28 4.82
N ALA B 12 -26.35 -13.78 5.10
CA ALA B 12 -26.94 -15.00 4.49
C ALA B 12 -27.01 -14.88 2.99
N LYS B 13 -27.37 -13.70 2.56
CA LYS B 13 -27.46 -13.36 1.15
C LYS B 13 -26.07 -13.45 0.47
N LEU B 14 -25.04 -12.91 1.13
CA LEU B 14 -23.67 -12.99 0.60
C LEU B 14 -23.26 -14.44 0.44
N GLU B 15 -23.60 -15.28 1.43
CA GLU B 15 -23.23 -16.70 1.41
C GLU B 15 -23.91 -17.36 0.22
N GLU B 16 -25.16 -16.97 0.00
CA GLU B 16 -25.97 -17.41 -1.12
C GLU B 16 -25.28 -16.97 -2.43
N GLN B 17 -24.93 -15.69 -2.50
CA GLN B 17 -24.36 -15.16 -3.72
C GLN B 17 -23.00 -15.76 -4.08
N PHE B 18 -22.21 -16.13 -3.09
CA PHE B 18 -20.83 -16.52 -3.35
C PHE B 18 -20.63 -17.97 -3.01
N ASP B 19 -21.74 -18.66 -2.73
CA ASP B 19 -21.73 -20.10 -2.41
C ASP B 19 -20.64 -20.43 -1.40
N ALA B 20 -20.70 -19.75 -0.25
CA ALA B 20 -19.61 -19.85 0.75
C ALA B 20 -20.15 -19.66 2.13
N LYS B 21 -19.32 -19.97 3.12
CA LYS B 21 -19.70 -19.86 4.52
C LYS B 21 -18.86 -18.72 5.08
N LEU B 22 -19.52 -17.76 5.72
CA LEU B 22 -18.90 -16.59 6.33
C LEU B 22 -18.76 -16.77 7.83
N GLY B 23 -17.63 -16.32 8.39
CA GLY B 23 -17.46 -16.11 9.83
C GLY B 23 -17.21 -14.62 10.10
N ILE B 24 -18.08 -13.97 10.86
CA ILE B 24 -17.89 -12.55 11.13
CA ILE B 24 -17.98 -12.52 11.11
C ILE B 24 -17.98 -12.22 12.61
N PHE B 25 -17.07 -11.38 13.06
CA PHE B 25 -17.16 -10.78 14.36
C PHE B 25 -16.49 -9.41 14.26
N ALA B 26 -17.18 -8.42 14.79
CA ALA B 26 -16.72 -7.06 14.78
C ALA B 26 -17.05 -6.48 16.11
N LEU B 27 -16.15 -5.65 16.61
CA LEU B 27 -16.32 -5.05 17.90
C LEU B 27 -15.97 -3.57 17.77
N ASP B 28 -16.94 -2.71 18.11
CA ASP B 28 -16.70 -1.31 18.29
C ASP B 28 -16.17 -1.06 19.70
N THR B 29 -14.88 -0.86 19.83
CA THR B 29 -14.29 -0.58 21.14
C THR B 29 -14.79 0.68 21.82
N GLY B 30 -15.40 1.61 21.11
CA GLY B 30 -15.94 2.78 21.79
C GLY B 30 -17.26 2.47 22.51
N THR B 31 -18.11 1.65 21.87
CA THR B 31 -19.45 1.38 22.39
C THR B 31 -19.60 0.00 23.02
N ASN B 32 -18.67 -0.90 22.73
CA ASN B 32 -18.84 -2.33 22.96
C ASN B 32 -19.97 -2.99 22.17
N ARG B 33 -20.49 -2.31 21.17
CA ARG B 33 -21.39 -2.97 20.22
C ARG B 33 -20.63 -3.96 19.36
N THR B 34 -21.28 -5.09 19.09
CA THR B 34 -20.76 -6.10 18.23
C THR B 34 -21.69 -6.45 17.06
N VAL B 35 -21.08 -7.00 16.04
CA VAL B 35 -21.78 -7.62 14.93
C VAL B 35 -21.15 -8.96 14.71
N ALA B 36 -22.10 -10.08 14.91
CA ALA B 36 -21.64 -11.45 14.80
C ALA B 36 -22.46 -12.23 13.78
N TYR B 37 -21.79 -13.14 13.08
CA TYR B 37 -22.39 -14.08 12.14
C TYR B 37 -21.45 -15.30 12.08
N ARG B 38 -21.90 -16.42 12.60
CA ARG B 38 -21.01 -17.55 12.82
C ARG B 38 -19.67 -17.16 13.51
N PRO B 39 -19.73 -16.32 14.58
CA PRO B 39 -18.54 -15.81 15.26
C PRO B 39 -17.63 -16.88 15.82
N ASP B 40 -18.24 -18.00 16.21
CA ASP B 40 -17.53 -19.12 16.82
C ASP B 40 -17.30 -20.32 15.90
N GLU B 41 -17.68 -20.19 14.63
CA GLU B 41 -17.33 -21.21 13.65
C GLU B 41 -15.82 -21.24 13.36
N ARG B 42 -15.23 -22.43 13.33
CA ARG B 42 -13.79 -22.56 13.00
C ARG B 42 -13.46 -22.48 11.52
N PHE B 43 -12.34 -21.84 11.22
CA PHE B 43 -11.83 -21.68 9.86
C PHE B 43 -10.33 -21.79 9.97
N ALA B 44 -9.68 -22.25 8.92
CA ALA B 44 -8.23 -22.21 8.84
C ALA B 44 -7.86 -20.75 8.93
N PHE B 45 -6.96 -20.42 9.84
CA PHE B 45 -6.60 -19.03 9.95
C PHE B 45 -5.73 -18.57 8.81
N ALA B 46 -4.97 -19.49 8.21
CA ALA B 46 -4.05 -19.16 7.15
C ALA B 46 -3.10 -18.03 7.61
N SER B 47 -2.65 -17.18 6.69
CA SER B 47 -1.58 -16.19 7.01
C SER B 47 -2.02 -15.07 7.90
N THR B 48 -3.27 -15.09 8.37
CA THR B 48 -3.69 -14.12 9.40
C THR B 48 -2.87 -14.34 10.67
N ILE B 49 -2.41 -15.56 10.85
CA ILE B 49 -1.57 -15.89 12.00
C ILE B 49 -0.28 -15.10 12.06
N LYS B 50 0.17 -14.62 10.91
CA LYS B 50 1.37 -13.80 10.84
C LYS B 50 1.28 -12.59 11.74
N ALA B 51 0.06 -12.07 11.96
CA ALA B 51 -0.12 -10.90 12.75
C ALA B 51 0.03 -11.18 14.23
N LEU B 52 -0.55 -12.29 14.69
CA LEU B 52 -0.40 -12.72 16.06
C LEU B 52 1.01 -13.19 16.31
N THR B 53 1.64 -13.74 15.30
CA THR B 53 3.01 -14.19 15.41
C THR B 53 3.90 -13.00 15.66
N VAL B 54 3.71 -11.87 14.97
CA VAL B 54 4.58 -10.71 15.23
CA VAL B 54 4.61 -10.73 15.26
C VAL B 54 4.29 -10.07 16.59
N GLY B 55 3.01 -10.14 16.98
CA GLY B 55 2.57 -9.75 18.29
C GLY B 55 3.42 -10.42 19.33
N VAL B 56 3.64 -11.72 19.20
CA VAL B 56 4.42 -12.47 20.18
C VAL B 56 5.91 -12.18 20.09
N LEU B 57 6.41 -11.97 18.88
CA LEU B 57 7.81 -11.57 18.67
C LEU B 57 8.10 -10.26 19.40
N LEU B 58 7.19 -9.31 19.24
CA LEU B 58 7.40 -7.99 19.82
C LEU B 58 7.38 -8.07 21.33
N GLN B 59 6.45 -8.85 21.87
CA GLN B 59 6.34 -9.02 23.34
C GLN B 59 7.62 -9.62 23.98
N GLN B 60 8.27 -10.50 23.21
CA GLN B 60 9.37 -11.30 23.71
CA GLN B 60 9.40 -11.33 23.63
C GLN B 60 10.70 -10.60 23.47
N LYS B 61 11.01 -9.31 22.69
CA LYS B 61 12.18 -8.67 22.23
C LYS B 61 12.04 -7.22 22.61
N SER B 62 13.14 -6.57 22.97
CA SER B 62 13.12 -5.12 22.99
C SER B 62 13.00 -4.70 21.56
N ILE B 63 12.78 -3.42 21.36
CA ILE B 63 12.78 -2.88 19.99
C ILE B 63 14.14 -2.99 19.35
N GLU B 64 15.17 -2.66 20.11
CA GLU B 64 16.55 -2.78 19.64
C GLU B 64 16.94 -4.19 19.25
N ASP B 65 16.38 -5.19 19.96
CA ASP B 65 16.64 -6.59 19.68
C ASP B 65 16.12 -7.02 18.30
N LEU B 66 15.17 -6.27 17.74
CA LEU B 66 14.69 -6.58 16.40
C LEU B 66 15.74 -6.28 15.31
N ASN B 67 16.78 -5.51 15.67
CA ASN B 67 17.89 -5.29 14.76
C ASN B 67 18.82 -6.48 14.59
N GLN B 68 18.65 -7.54 15.38
CA GLN B 68 19.46 -8.73 15.15
C GLN B 68 19.28 -9.27 13.71
N ARG B 69 20.38 -9.62 13.07
CA ARG B 69 20.37 -10.08 11.67
C ARG B 69 20.19 -11.60 11.61
N ILE B 70 19.27 -12.05 10.78
CA ILE B 70 19.04 -13.45 10.55
C ILE B 70 19.62 -13.82 9.22
N THR B 71 20.47 -14.84 9.26
CA THR B 71 21.07 -15.48 8.08
C THR B 71 20.20 -16.64 7.64
N TYR B 72 20.13 -16.88 6.35
CA TYR B 72 19.31 -17.97 5.85
C TYR B 72 19.82 -18.35 4.49
N THR B 73 19.33 -19.47 3.95
CA THR B 73 19.70 -19.95 2.61
C THR B 73 18.39 -20.13 1.85
N ARG B 74 18.52 -20.60 0.62
CA ARG B 74 17.37 -21.04 -0.17
C ARG B 74 16.59 -22.22 0.44
N ASP B 75 17.20 -22.94 1.40
CA ASP B 75 16.54 -23.98 2.20
C ASP B 75 15.54 -23.50 3.24
N ASP B 76 15.74 -22.30 3.77
CA ASP B 76 14.73 -21.68 4.60
C ASP B 76 13.66 -20.99 3.74
N LEU B 77 13.82 -21.01 2.42
CA LEU B 77 12.80 -20.43 1.58
C LEU B 77 11.76 -21.50 1.20
N VAL B 78 10.49 -21.08 1.13
CA VAL B 78 9.40 -21.99 0.85
C VAL B 78 8.69 -21.61 -0.48
N ASN B 79 7.37 -21.46 -0.48
CA ASN B 79 6.64 -21.34 -1.74
C ASN B 79 6.40 -19.90 -2.16
N TYR B 80 6.50 -18.98 -1.22
CA TYR B 80 6.18 -17.59 -1.42
C TYR B 80 7.06 -16.70 -0.54
N ASN B 81 8.07 -16.09 -1.15
CA ASN B 81 9.18 -15.47 -0.47
C ASN B 81 9.47 -14.11 -1.12
N PRO B 82 8.43 -13.28 -1.26
CA PRO B 82 8.60 -12.10 -2.09
C PRO B 82 9.75 -11.15 -1.65
N ILE B 83 10.00 -11.04 -0.36
CA ILE B 83 11.05 -10.14 0.10
C ILE B 83 12.28 -10.95 0.42
N THR B 84 12.12 -11.98 1.25
CA THR B 84 13.22 -12.94 1.58
C THR B 84 14.06 -13.45 0.40
N GLU B 85 13.43 -13.76 -0.74
CA GLU B 85 14.19 -14.16 -1.94
C GLU B 85 15.19 -13.11 -2.44
N LYS B 86 14.96 -11.84 -2.16
CA LYS B 86 15.92 -10.80 -2.55
C LYS B 86 17.17 -10.70 -1.66
N HIS B 87 17.27 -11.44 -0.55
CA HIS B 87 18.24 -11.06 0.52
C HIS B 87 18.99 -12.21 1.16
N VAL B 88 19.06 -13.30 0.40
CA VAL B 88 19.75 -14.53 0.78
C VAL B 88 21.22 -14.31 1.16
N ASP B 89 21.85 -13.42 0.40
CA ASP B 89 23.27 -13.16 0.54
C ASP B 89 23.61 -12.25 1.72
N THR B 90 22.73 -11.29 2.06
CA THR B 90 22.94 -10.40 3.20
C THR B 90 22.15 -10.78 4.44
N GLY B 91 21.11 -11.60 4.28
CA GLY B 91 20.16 -11.84 5.37
C GLY B 91 19.30 -10.60 5.63
N MET B 92 18.56 -10.67 6.74
CA MET B 92 17.55 -9.69 7.13
C MET B 92 17.46 -9.62 8.64
N THR B 93 17.25 -8.43 9.17
CA THR B 93 16.97 -8.28 10.58
C THR B 93 15.53 -8.76 10.91
N LEU B 94 15.31 -9.11 12.17
CA LEU B 94 14.00 -9.45 12.68
C LEU B 94 12.98 -8.35 12.33
N LYS B 95 13.42 -7.11 12.41
CA LYS B 95 12.55 -5.99 12.06
C LYS B 95 12.13 -6.06 10.61
N GLU B 96 13.10 -6.26 9.72
CA GLU B 96 12.78 -6.35 8.28
C GLU B 96 11.96 -7.62 7.99
N LEU B 97 12.19 -8.70 8.75
CA LEU B 97 11.36 -9.90 8.62
C LEU B 97 9.93 -9.66 9.07
N ALA B 98 9.72 -8.88 10.13
CA ALA B 98 8.32 -8.51 10.58
C ALA B 98 7.55 -7.76 9.52
N ASP B 99 8.27 -6.82 8.92
CA ASP B 99 7.78 -5.98 7.81
C ASP B 99 7.36 -6.87 6.66
N ALA B 100 8.27 -7.72 6.20
CA ALA B 100 8.02 -8.61 5.06
C ALA B 100 6.87 -9.56 5.34
N SER B 101 6.83 -10.14 6.54
CA SER B 101 5.77 -11.07 6.87
C SER B 101 4.44 -10.36 6.91
N LEU B 102 4.33 -9.24 7.59
CA LEU B 102 3.01 -8.59 7.69
C LEU B 102 2.54 -7.92 6.41
N ARG B 103 3.45 -7.25 5.74
CA ARG B 103 3.05 -6.37 4.62
C ARG B 103 3.07 -7.05 3.27
N TYR B 104 3.79 -8.15 3.15
CA TYR B 104 3.81 -8.95 1.93
C TYR B 104 3.40 -10.42 2.17
N SER B 105 3.20 -10.81 3.41
CA SER B 105 2.76 -12.19 3.77
C SER B 105 3.86 -13.13 3.33
N ASP B 106 5.12 -12.69 3.48
CA ASP B 106 6.25 -13.53 3.16
C ASP B 106 6.28 -14.75 4.09
N ASN B 107 6.04 -15.93 3.51
CA ASN B 107 6.02 -17.22 4.25
C ASN B 107 7.33 -17.58 4.93
N ALA B 108 8.45 -17.41 4.22
CA ALA B 108 9.75 -17.69 4.83
C ALA B 108 10.01 -16.74 5.97
N ALA B 109 9.57 -15.48 5.83
CA ALA B 109 9.79 -14.56 6.94
C ALA B 109 9.02 -15.07 8.18
N GLN B 110 7.78 -15.50 7.96
CA GLN B 110 6.96 -16.08 9.03
C GLN B 110 7.67 -17.27 9.69
N ASN B 111 8.23 -18.17 8.90
CA ASN B 111 8.90 -19.37 9.46
C ASN B 111 10.14 -19.00 10.28
N LEU B 112 10.90 -18.03 9.79
CA LEU B 112 12.05 -17.53 10.49
C LEU B 112 11.67 -16.86 11.80
N ILE B 113 10.58 -16.12 11.83
CA ILE B 113 10.13 -15.48 13.05
C ILE B 113 9.61 -16.59 13.98
N LEU B 114 8.81 -17.49 13.44
CA LEU B 114 8.26 -18.58 14.23
CA LEU B 114 8.28 -18.63 14.20
C LEU B 114 9.40 -19.37 14.90
N LYS B 115 10.47 -19.65 14.18
CA LYS B 115 11.64 -20.29 14.80
CA LYS B 115 11.67 -20.27 14.76
C LYS B 115 12.26 -19.46 15.93
N GLN B 116 12.31 -18.14 15.79
CA GLN B 116 12.90 -17.31 16.83
CA GLN B 116 12.90 -17.28 16.82
C GLN B 116 12.06 -17.37 18.10
N ILE B 117 10.75 -17.53 17.96
CA ILE B 117 9.92 -17.63 19.16
C ILE B 117 9.74 -19.04 19.70
N GLY B 118 10.35 -20.05 19.09
CA GLY B 118 10.32 -21.40 19.62
C GLY B 118 9.46 -22.37 18.82
N GLY B 119 8.85 -21.93 17.71
CA GLY B 119 7.97 -22.77 16.88
C GLY B 119 6.48 -22.70 17.22
N PRO B 120 5.60 -23.39 16.44
CA PRO B 120 4.15 -23.38 16.55
C PRO B 120 3.63 -23.69 17.95
N GLU B 121 4.24 -24.68 18.60
CA GLU B 121 3.81 -25.11 19.92
C GLU B 121 4.17 -24.00 20.93
N SER B 122 5.27 -23.31 20.72
CA SER B 122 5.58 -22.21 21.58
C SER B 122 4.69 -20.98 21.28
N LEU B 123 4.29 -20.79 20.03
CA LEU B 123 3.34 -19.70 19.73
C LEU B 123 1.99 -19.95 20.44
N LYS B 124 1.54 -21.20 20.35
CA LYS B 124 0.31 -21.67 20.99
C LYS B 124 0.31 -21.40 22.48
N LYS B 125 1.39 -21.78 23.14
CA LYS B 125 1.58 -21.53 24.55
C LYS B 125 1.44 -20.03 24.87
N GLU B 126 2.10 -19.20 24.07
CA GLU B 126 2.04 -17.74 24.29
C GLU B 126 0.64 -17.17 24.08
N LEU B 127 -0.11 -17.70 23.12
CA LEU B 127 -1.47 -17.24 22.92
C LEU B 127 -2.36 -17.68 24.07
N ARG B 128 -2.24 -18.91 24.54
CA ARG B 128 -2.88 -19.31 25.80
C ARG B 128 -2.53 -18.36 26.96
N LYS B 129 -1.27 -17.93 27.03
CA LYS B 129 -0.90 -16.97 28.07
C LYS B 129 -1.60 -15.62 27.97
N ILE B 130 -1.94 -15.15 26.76
CA ILE B 130 -2.66 -13.86 26.67
C ILE B 130 -4.22 -14.00 26.71
N GLY B 131 -4.72 -15.24 26.76
CA GLY B 131 -6.16 -15.50 27.00
C GLY B 131 -6.89 -16.17 25.83
N ASP B 132 -6.16 -16.60 24.82
CA ASP B 132 -6.75 -17.22 23.64
C ASP B 132 -6.64 -18.71 23.76
N GLU B 133 -7.79 -19.34 24.02
CA GLU B 133 -7.84 -20.83 24.17
C GLU B 133 -8.36 -21.51 22.90
N VAL B 134 -8.62 -20.69 21.88
CA VAL B 134 -9.23 -21.11 20.62
C VAL B 134 -8.21 -21.34 19.51
N THR B 135 -7.39 -20.34 19.24
CA THR B 135 -6.40 -20.40 18.15
C THR B 135 -5.39 -21.59 18.36
N ASN B 136 -5.19 -22.42 17.34
CA ASN B 136 -4.33 -23.65 17.45
C ASN B 136 -3.20 -23.68 16.45
N PRO B 137 -2.10 -22.98 16.73
CA PRO B 137 -0.97 -23.11 15.80
C PRO B 137 -0.33 -24.46 15.99
N GLU B 138 -0.13 -25.14 14.85
CA GLU B 138 0.46 -26.49 14.77
C GLU B 138 1.62 -26.56 13.77
N ARG B 139 1.46 -25.91 12.61
CA ARG B 139 2.41 -26.08 11.54
C ARG B 139 3.06 -24.81 11.04
N PHE B 140 4.20 -25.00 10.39
CA PHE B 140 4.84 -23.94 9.62
C PHE B 140 4.11 -23.60 8.33
N SER B 141 4.61 -22.53 7.73
CA SER B 141 4.04 -22.02 6.49
C SER B 141 4.85 -22.68 5.36
N PRO B 142 4.18 -23.09 4.29
CA PRO B 142 2.77 -22.94 3.96
C PRO B 142 1.81 -24.03 4.45
N GLU B 143 2.31 -25.15 4.98
CA GLU B 143 1.45 -26.33 5.26
C GLU B 143 0.32 -26.11 6.22
N LEU B 144 0.39 -25.07 7.03
CA LEU B 144 -0.75 -24.66 7.85
C LEU B 144 -2.01 -24.38 7.00
N ASN B 145 -1.85 -24.15 5.70
CA ASN B 145 -3.00 -23.85 4.84
C ASN B 145 -3.87 -25.06 4.48
N GLU B 146 -3.34 -26.28 4.67
CA GLU B 146 -4.01 -27.52 4.28
C GLU B 146 -4.86 -27.97 5.49
N VAL B 147 -6.15 -27.63 5.53
CA VAL B 147 -7.00 -27.96 6.67
C VAL B 147 -8.32 -28.52 6.16
N ASN B 148 -8.68 -29.74 6.53
CA ASN B 148 -9.93 -30.36 6.06
C ASN B 148 -11.08 -30.03 6.99
N PRO B 149 -12.32 -30.04 6.50
CA PRO B 149 -13.42 -29.65 7.39
C PRO B 149 -13.52 -30.62 8.55
N GLY B 150 -13.81 -30.11 9.75
CA GLY B 150 -13.82 -30.93 10.96
C GLY B 150 -12.50 -30.92 11.71
N GLU B 151 -11.36 -30.78 11.03
CA GLU B 151 -10.08 -30.74 11.73
C GLU B 151 -9.92 -29.38 12.44
N THR B 152 -9.10 -29.35 13.48
CA THR B 152 -8.93 -28.14 14.35
C THR B 152 -7.52 -27.54 14.32
N GLN B 153 -6.53 -28.30 13.82
CA GLN B 153 -5.17 -27.76 13.76
CA GLN B 153 -5.15 -27.80 13.71
C GLN B 153 -5.15 -26.56 12.80
N ASP B 154 -4.42 -25.54 13.21
CA ASP B 154 -4.26 -24.30 12.44
C ASP B 154 -5.60 -23.60 12.08
N THR B 155 -6.55 -23.66 13.03
CA THR B 155 -7.88 -22.99 12.92
C THR B 155 -8.07 -22.00 14.07
N SER B 156 -8.98 -21.08 13.84
CA SER B 156 -9.45 -20.19 14.89
C SER B 156 -10.84 -19.74 14.47
N THR B 157 -11.40 -18.79 15.20
CA THR B 157 -12.74 -18.31 14.95
C THR B 157 -12.66 -16.78 14.79
N ALA B 158 -13.67 -16.20 14.17
CA ALA B 158 -13.70 -14.78 14.01
C ALA B 158 -13.60 -14.09 15.39
N ARG B 159 -14.36 -14.58 16.38
CA ARG B 159 -14.36 -13.96 17.72
C ARG B 159 -12.97 -13.94 18.33
N ALA B 160 -12.28 -15.06 18.27
CA ALA B 160 -10.98 -15.19 18.89
C ALA B 160 -9.87 -14.40 18.20
N LEU B 161 -9.88 -14.35 16.87
CA LEU B 161 -8.87 -13.56 16.17
C LEU B 161 -9.00 -12.06 16.50
N VAL B 162 -10.24 -11.52 16.49
CA VAL B 162 -10.53 -10.14 16.93
C VAL B 162 -9.96 -9.82 18.35
N THR B 163 -10.47 -10.54 19.36
CA THR B 163 -10.01 -10.55 20.75
C THR B 163 -8.49 -10.61 20.90
N SER B 164 -7.86 -11.52 20.17
CA SER B 164 -6.41 -11.63 20.25
C SER B 164 -5.71 -10.46 19.50
N LEU B 165 -6.23 -10.04 18.35
CA LEU B 165 -5.58 -8.94 17.62
C LEU B 165 -5.70 -7.66 18.42
N ARG B 166 -6.88 -7.44 19.02
CA ARG B 166 -7.12 -6.30 19.87
C ARG B 166 -6.21 -6.32 21.10
N ALA B 167 -6.07 -7.48 21.71
CA ALA B 167 -5.24 -7.61 22.91
C ALA B 167 -3.82 -7.10 22.63
N PHE B 168 -3.20 -7.53 21.53
CA PHE B 168 -1.85 -7.07 21.17
C PHE B 168 -1.82 -5.63 20.63
N ALA B 169 -2.72 -5.29 19.70
CA ALA B 169 -2.70 -4.00 19.03
C ALA B 169 -3.24 -2.84 19.84
N LEU B 170 -4.26 -3.05 20.65
CA LEU B 170 -4.91 -1.95 21.34
C LEU B 170 -4.91 -2.06 22.85
N GLU B 171 -4.68 -3.23 23.42
CA GLU B 171 -4.80 -3.37 24.89
C GLU B 171 -3.41 -3.38 25.50
N ASP B 172 -3.13 -4.25 26.46
CA ASP B 172 -1.92 -4.17 27.22
C ASP B 172 -1.10 -5.47 27.17
N LYS B 173 -1.19 -6.23 26.07
CA LYS B 173 -0.21 -7.31 25.81
C LYS B 173 1.12 -6.81 25.22
N LEU B 174 1.15 -5.53 24.85
CA LEU B 174 2.35 -4.88 24.41
C LEU B 174 2.33 -3.43 24.88
N PRO B 175 3.53 -2.88 25.12
CA PRO B 175 3.70 -1.48 25.44
C PRO B 175 3.49 -0.59 24.20
N SER B 176 3.30 0.70 24.42
CA SER B 176 2.79 1.54 23.36
CA SER B 176 2.83 1.62 23.37
C SER B 176 3.70 1.63 22.12
N GLU B 177 5.00 1.62 22.29
CA GLU B 177 5.91 1.76 21.16
CA GLU B 177 5.94 1.73 21.16
C GLU B 177 5.92 0.47 20.31
N LYS B 178 5.60 -0.65 20.93
CA LYS B 178 5.51 -1.90 20.22
C LYS B 178 4.16 -2.03 19.51
N ARG B 179 3.07 -1.61 20.15
CA ARG B 179 1.81 -1.56 19.49
C ARG B 179 1.90 -0.66 18.25
N GLU B 180 2.63 0.44 18.37
CA GLU B 180 2.81 1.35 17.23
C GLU B 180 3.51 0.69 16.03
N LEU B 181 4.54 -0.12 16.26
CA LEU B 181 5.18 -0.82 15.16
C LEU B 181 4.20 -1.76 14.50
N LEU B 182 3.46 -2.50 15.34
CA LEU B 182 2.50 -3.51 14.83
C LEU B 182 1.45 -2.84 13.94
N ILE B 183 0.94 -1.71 14.40
CA ILE B 183 -0.12 -0.98 13.69
C ILE B 183 0.42 -0.29 12.43
N ASP B 184 1.63 0.20 12.48
CA ASP B 184 2.20 0.82 11.33
C ASP B 184 2.35 -0.19 10.21
N TRP B 185 2.94 -1.34 10.52
CA TRP B 185 3.12 -2.41 9.54
C TRP B 185 1.78 -2.81 8.96
N MET B 186 0.82 -3.05 9.83
CA MET B 186 -0.46 -3.57 9.36
C MET B 186 -1.21 -2.57 8.54
N LYS B 187 -1.10 -1.30 8.92
CA LYS B 187 -1.68 -0.19 8.17
C LYS B 187 -1.17 -0.12 6.76
N ARG B 188 0.10 -0.44 6.60
CA ARG B 188 0.80 -0.30 5.34
C ARG B 188 0.86 -1.66 4.65
N ASN B 189 -0.07 -2.57 4.97
CA ASN B 189 -0.16 -3.86 4.25
C ASN B 189 -0.37 -3.63 2.74
N THR B 190 0.23 -4.49 1.93
CA THR B 190 0.04 -4.39 0.48
C THR B 190 -0.90 -5.42 -0.11
N THR B 191 -1.30 -6.43 0.67
CA THR B 191 -2.02 -7.58 0.11
C THR B 191 -3.56 -7.46 0.28
N GLY B 192 -4.04 -6.31 0.75
CA GLY B 192 -5.43 -6.23 1.21
C GLY B 192 -6.40 -5.27 0.54
N ASP B 193 -6.01 -4.72 -0.59
CA ASP B 193 -6.82 -3.63 -1.22
C ASP B 193 -8.22 -4.05 -1.62
N ALA B 194 -8.40 -5.28 -2.04
CA ALA B 194 -9.73 -5.76 -2.51
C ALA B 194 -10.59 -6.42 -1.39
N LEU B 195 -10.18 -6.28 -0.15
CA LEU B 195 -10.81 -6.98 0.95
CA LEU B 195 -10.80 -6.97 0.97
C LEU B 195 -11.45 -5.97 1.93
N ILE B 196 -11.09 -6.00 3.21
CA ILE B 196 -11.72 -5.11 4.19
C ILE B 196 -11.59 -3.64 3.73
N ARG B 197 -10.46 -3.30 3.12
CA ARG B 197 -10.17 -1.94 2.65
C ARG B 197 -11.17 -1.51 1.58
N ALA B 198 -11.55 -2.43 0.70
CA ALA B 198 -12.58 -2.12 -0.29
C ALA B 198 -14.00 -2.03 0.24
N GLY B 199 -14.28 -2.38 1.51
CA GLY B 199 -15.63 -2.23 2.14
C GLY B 199 -15.81 -1.09 3.20
N VAL B 200 -14.85 -0.21 3.21
CA VAL B 200 -14.75 0.90 4.16
C VAL B 200 -14.57 2.17 3.31
N PRO B 201 -15.13 3.33 3.72
CA PRO B 201 -14.81 4.53 2.93
C PRO B 201 -13.36 4.99 3.01
N ASP B 202 -12.89 5.63 1.95
CA ASP B 202 -11.58 6.28 2.00
C ASP B 202 -11.51 7.26 3.18
N GLY B 203 -10.34 7.30 3.80
CA GLY B 203 -10.08 8.16 4.93
C GLY B 203 -10.40 7.52 6.26
N TRP B 204 -10.95 6.32 6.20
CA TRP B 204 -10.96 5.41 7.33
C TRP B 204 -9.71 4.55 7.28
N GLU B 205 -8.85 4.73 8.27
CA GLU B 205 -7.62 4.02 8.32
C GLU B 205 -7.91 2.56 8.65
N VAL B 206 -7.19 1.66 7.96
CA VAL B 206 -7.33 0.23 8.16
C VAL B 206 -5.95 -0.37 8.39
N ALA B 207 -5.83 -1.20 9.42
CA ALA B 207 -4.69 -2.08 9.57
C ALA B 207 -5.12 -3.53 9.42
N ASP B 208 -4.64 -4.24 8.40
CA ASP B 208 -5.19 -5.59 8.20
C ASP B 208 -4.12 -6.62 7.90
N LYS B 209 -4.53 -7.88 7.99
CA LYS B 209 -3.74 -9.01 7.54
C LYS B 209 -4.66 -10.02 6.89
N THR B 210 -4.31 -10.39 5.66
CA THR B 210 -5.04 -11.29 4.83
C THR B 210 -4.61 -12.74 5.02
N GLY B 211 -5.47 -13.64 4.56
CA GLY B 211 -5.18 -15.07 4.56
C GLY B 211 -5.89 -15.74 3.41
N ALA B 212 -5.34 -16.84 2.92
CA ALA B 212 -6.03 -17.67 1.98
C ALA B 212 -5.52 -19.09 2.17
N ALA B 213 -6.42 -20.05 2.00
CA ALA B 213 -5.96 -21.41 2.14
C ALA B 213 -6.74 -22.31 1.19
N SER B 214 -7.00 -23.88 1.65
CA SER B 214 -7.71 -24.85 0.85
C SER B 214 -9.17 -24.73 1.25
N TYR B 215 -10.01 -25.37 0.46
CA TYR B 215 -11.43 -25.20 0.59
C TYR B 215 -11.83 -23.74 0.39
N GLY B 216 -11.12 -23.06 -0.49
CA GLY B 216 -11.40 -21.68 -0.85
C GLY B 216 -11.52 -20.72 0.34
N THR B 217 -10.67 -20.94 1.34
CA THR B 217 -10.66 -20.08 2.48
C THR B 217 -10.05 -18.75 2.13
N ARG B 218 -10.72 -17.71 2.57
CA ARG B 218 -10.30 -16.36 2.24
C ARG B 218 -10.68 -15.48 3.42
N ASN B 219 -9.66 -14.99 4.12
CA ASN B 219 -9.81 -14.28 5.37
C ASN B 219 -9.19 -12.88 5.36
N ASP B 220 -9.73 -12.00 6.19
CA ASP B 220 -9.10 -10.76 6.49
C ASP B 220 -9.45 -10.35 7.93
N ILE B 221 -8.44 -9.95 8.70
CA ILE B 221 -8.71 -9.38 10.01
C ILE B 221 -8.13 -7.96 10.08
N ALA B 222 -8.84 -7.08 10.78
CA ALA B 222 -8.48 -5.69 10.77
C ALA B 222 -8.89 -4.90 12.02
N ILE B 223 -8.17 -3.80 12.21
CA ILE B 223 -8.59 -2.70 13.06
C ILE B 223 -8.89 -1.55 12.12
N ILE B 224 -10.04 -0.93 12.35
CA ILE B 224 -10.52 0.13 11.48
C ILE B 224 -10.77 1.34 12.34
N TRP B 225 -10.20 2.48 11.93
CA TRP B 225 -10.36 3.71 12.62
C TRP B 225 -11.25 4.59 11.83
N PRO B 226 -12.49 4.75 12.27
CA PRO B 226 -13.33 5.73 11.67
C PRO B 226 -12.90 7.16 12.02
N PRO B 227 -13.26 8.30 11.06
CA PRO B 227 -12.63 9.61 11.22
C PRO B 227 -12.55 10.21 12.63
N LYS B 228 -13.63 10.10 13.40
CA LYS B 228 -13.52 10.26 14.84
C LYS B 228 -14.39 9.21 15.48
N GLY B 229 -14.03 8.84 16.70
CA GLY B 229 -14.60 7.65 17.34
C GLY B 229 -13.51 6.59 17.49
N ASP B 230 -13.78 5.63 18.35
CA ASP B 230 -12.81 4.62 18.69
C ASP B 230 -12.79 3.54 17.62
N PRO B 231 -11.69 2.81 17.55
CA PRO B 231 -11.54 1.83 16.49
C PRO B 231 -12.48 0.64 16.56
N VAL B 232 -12.73 0.03 15.40
CA VAL B 232 -13.47 -1.21 15.30
C VAL B 232 -12.47 -2.30 15.00
N VAL B 233 -12.58 -3.43 15.69
CA VAL B 233 -11.77 -4.60 15.36
C VAL B 233 -12.67 -5.63 14.68
N LEU B 234 -12.19 -6.23 13.61
CA LEU B 234 -13.07 -6.97 12.71
C LEU B 234 -12.31 -8.15 12.17
N ALA B 235 -12.96 -9.34 12.17
CA ALA B 235 -12.52 -10.51 11.41
C ALA B 235 -13.59 -10.92 10.45
N VAL B 236 -13.17 -11.19 9.22
CA VAL B 236 -14.07 -11.71 8.24
C VAL B 236 -13.38 -12.88 7.61
N LEU B 237 -13.99 -14.04 7.79
CA LEU B 237 -13.44 -15.30 7.41
C LEU B 237 -14.43 -15.97 6.48
N SER B 238 -13.96 -16.83 5.59
CA SER B 238 -14.86 -17.52 4.67
C SER B 238 -14.22 -18.82 4.22
N SER B 239 -15.03 -19.81 3.83
CA SER B 239 -14.54 -21.07 3.29
C SER B 239 -15.67 -21.75 2.52
N ARG B 240 -15.30 -22.72 1.72
CA ARG B 240 -16.25 -23.27 0.75
C ARG B 240 -16.19 -24.80 0.82
N ASP B 241 -17.05 -25.52 0.10
CA ASP B 241 -17.06 -26.96 0.37
C ASP B 241 -16.20 -27.81 -0.49
N LYS B 242 -15.57 -27.28 -1.53
CA LYS B 242 -14.63 -28.12 -2.31
C LYS B 242 -13.17 -27.78 -2.09
N LYS B 243 -12.36 -28.80 -1.91
CA LYS B 243 -10.96 -28.64 -1.55
C LYS B 243 -10.28 -27.63 -2.45
N ASP B 244 -10.47 -27.78 -3.75
CA ASP B 244 -9.79 -26.93 -4.71
C ASP B 244 -10.58 -25.67 -5.10
N ALA B 245 -11.56 -25.29 -4.30
CA ALA B 245 -12.47 -24.20 -4.65
C ALA B 245 -11.74 -22.86 -4.73
N LYS B 246 -12.19 -22.00 -5.65
CA LYS B 246 -11.79 -20.59 -5.72
C LYS B 246 -12.54 -19.77 -4.76
N TYR B 247 -11.88 -18.73 -4.25
CA TYR B 247 -12.50 -17.74 -3.41
C TYR B 247 -12.77 -16.48 -4.22
N ASP B 248 -13.59 -15.58 -3.69
CA ASP B 248 -13.83 -14.29 -4.31
C ASP B 248 -13.65 -13.14 -3.29
N ASP B 249 -12.56 -12.39 -3.44
CA ASP B 249 -12.26 -11.22 -2.60
C ASP B 249 -13.50 -10.29 -2.32
N LYS B 250 -14.36 -10.15 -3.32
CA LYS B 250 -15.57 -9.29 -3.23
C LYS B 250 -16.47 -9.66 -2.04
N LEU B 251 -16.54 -10.96 -1.74
CA LEU B 251 -17.28 -11.43 -0.55
C LEU B 251 -16.82 -10.76 0.76
N ILE B 252 -15.52 -10.61 0.92
CA ILE B 252 -15.00 -9.99 2.14
C ILE B 252 -15.31 -8.50 2.11
N ALA B 253 -15.19 -7.90 0.93
CA ALA B 253 -15.44 -6.49 0.78
C ALA B 253 -16.91 -6.20 1.05
N GLU B 254 -17.79 -6.95 0.40
CA GLU B 254 -19.26 -6.81 0.65
C GLU B 254 -19.63 -7.08 2.11
N ALA B 255 -19.11 -8.15 2.70
CA ALA B 255 -19.34 -8.42 4.13
C ALA B 255 -18.93 -7.23 5.00
N THR B 256 -17.77 -6.70 4.66
CA THR B 256 -17.26 -5.58 5.42
C THR B 256 -18.24 -4.41 5.36
N LYS B 257 -18.82 -4.11 4.19
CA LYS B 257 -19.79 -2.98 4.12
C LYS B 257 -21.03 -3.25 4.98
N VAL B 258 -21.49 -4.49 5.00
CA VAL B 258 -22.59 -4.87 5.89
C VAL B 258 -22.24 -4.63 7.33
N VAL B 259 -21.05 -5.02 7.79
CA VAL B 259 -20.68 -4.77 9.19
C VAL B 259 -20.73 -3.28 9.56
N MET B 260 -20.22 -2.46 8.68
CA MET B 260 -20.15 -1.02 8.97
C MET B 260 -21.56 -0.42 9.04
N LYS B 261 -22.42 -0.82 8.11
CA LYS B 261 -23.83 -0.40 8.17
C LYS B 261 -24.45 -0.74 9.52
N ALA B 262 -24.36 -2.02 9.88
CA ALA B 262 -24.93 -2.53 11.13
C ALA B 262 -24.41 -1.84 12.39
N LEU B 263 -23.16 -1.36 12.34
CA LEU B 263 -22.55 -0.71 13.51
C LEU B 263 -22.81 0.80 13.62
N ASN B 264 -23.40 1.42 12.59
CA ASN B 264 -23.60 2.87 12.55
C ASN B 264 -25.06 3.24 12.43
CBE DWZ C . -11.78 8.86 -9.53
NBC DWZ C . -10.52 8.70 -10.23
CBD DWZ C . -9.30 8.57 -9.41
C DWZ C . -10.49 8.64 -11.56
O DWZ C . -10.64 7.59 -12.16
CA DWZ C . -10.26 9.89 -12.35
CB DWZ C . -8.84 10.39 -12.11
N DWZ C . -11.10 11.08 -12.16
CD DWZ C . -10.35 12.33 -12.15
CG DWZ C . -8.99 11.80 -12.60
SAK DWZ C . -7.51 12.65 -12.17
CAI DWZ C . -6.86 13.25 -10.69
CAH DWZ C . -7.53 13.85 -9.48
CAS DWZ C . -8.69 14.86 -9.66
CAL DWZ C . -5.80 12.46 -10.00
CAM DWZ C . -5.39 11.05 -10.10
OAT DWZ C . -4.20 10.82 -10.40
OAU DWZ C . -6.19 10.13 -9.82
NAJ DWZ C . -5.27 13.34 -9.28
CAD DWZ C . -6.18 14.50 -9.14
CAB DWZ C . -5.76 15.54 -10.21
CAE DWZ C . -5.81 16.97 -9.70
CAF DWZ C . -5.00 17.88 -10.64
OAG DWZ C . -7.20 17.38 -9.59
CAA DWZ C . -4.34 15.39 -10.72
OAC DWZ C . -4.00 14.76 -11.71
CBE DWZ D . -0.87 -13.00 -3.60
NBC DWZ D . -1.75 -13.49 -4.66
CBD DWZ D . -1.13 -13.89 -5.92
C DWZ D . -3.06 -13.55 -4.46
O DWZ D . -3.79 -12.57 -4.57
CA DWZ D . -3.56 -14.92 -4.08
CB DWZ D . -3.83 -14.99 -2.61
N DWZ D . -2.62 -16.00 -4.29
CD DWZ D . -2.05 -16.59 -3.10
CG DWZ D . -3.10 -16.23 -2.08
SAK DWZ D . -2.63 -15.58 -0.53
CAI DWZ D . -1.28 -15.93 0.44
CAH DWZ D . 0.16 -16.27 0.15
CAS DWZ D . 0.44 -17.54 -0.64
CAL DWZ D . -1.02 -14.75 1.33
CAM DWZ D . -1.78 -13.52 1.40
OAT DWZ D . -1.89 -12.70 0.44
OAU DWZ D . -2.36 -13.35 2.49
NAJ DWZ D . -0.10 -15.12 2.10
CAD DWZ D . 0.38 -16.44 1.66
CAB DWZ D . -0.57 -17.44 2.38
CAE DWZ D . 0.27 -18.50 3.09
CAF DWZ D . -0.53 -19.36 4.10
OAG DWZ D . 0.84 -19.26 1.99
CAA DWZ D . -1.49 -16.64 3.29
OAC DWZ D . -2.61 -16.93 3.71
#